data_4Q9R
#
_entry.id   4Q9R
#
_cell.length_a   147.515
_cell.length_b   78.986
_cell.length_c   94.357
_cell.angle_alpha   90.00
_cell.angle_beta   112.42
_cell.angle_gamma   90.00
#
_symmetry.space_group_name_H-M   'C 1 2 1'
#
loop_
_entity.id
_entity.type
_entity.pdbx_description
1 polymer 'Fab BL3-6, HEAVY CHAIN'
2 polymer 'Fab BL3-6, LIGHT CHAIN'
3 polymer 'Spinach RNA aptamer'
4 non-polymer 'POTASSIUM ION'
5 non-polymer (5Z)-5-(3,5-difluoro-4-hydroxybenzylidene)-2-methyl-3-(2,2,2-trifluoroethyl)-3,5-dihydro-4H-imidazol-4-one
6 water water
#
loop_
_entity_poly.entity_id
_entity_poly.type
_entity_poly.pdbx_seq_one_letter_code
_entity_poly.pdbx_strand_id
1 'polypeptide(L)'
;EVQLVESGGGLVQPGGSLRLSCAASGFYISYSSIHWVRQAPGKGLEWVASISPYSGSTYYADSVKGRFTISADTSKNTAY
LQMNSLRAEDTAVYYCARQGYRRRSGRGFDYWGQGTLVTVSSASTKGPSVFPLAPSSKSTSGGTAALGCLVKDYFPEPVT
VSWNSGALTSGVHTFPAVLQSSGLYSLSSVVTVPSSSLGTQTYICNVNHKPSNTKVDKKVEPK
;
H
2 'polypeptide(L)'
;SDIQMTQSPSSLSASVGDRVTITCRASQSVSSAVAWYQQKPGKAPKLLIYSASSLYSGVPSRFSGSRSGTDFTLTISSLQ
PEDFATYYCQQSYSFPSTFGQGTKVEIKRTVAAPSVFIFPPSDEQLKSGTASVVCLLNNFYPREAKVQWKVDNALQSGNS
QESVTEQDSKDSTYSLSSTLTLSKADYEKHKVYACEVTHQGLSSPVTKSFNRGE
;
L
3 'polyribonucleotide'
;(GDP)GACGCGACCGAAAUGGUGAAGGACGGGUCCAGUGCGAAACACGCACUGUUGAGUAGAGUGUGAGCUCCGUAACUG
GUCGCGUC
;
R
#
loop_
_chem_comp.id
_chem_comp.type
_chem_comp.name
_chem_comp.formula
2ZY non-polymer (5Z)-5-(3,5-difluoro-4-hydroxybenzylidene)-2-methyl-3-(2,2,2-trifluoroethyl)-3,5-dihydro-4H-imidazol-4-one 'C13 H9 F5 N2 O2'
A RNA linking ADENOSINE-5'-MONOPHOSPHATE 'C10 H14 N5 O7 P'
C RNA linking CYTIDINE-5'-MONOPHOSPHATE 'C9 H14 N3 O8 P'
G RNA linking GUANOSINE-5'-MONOPHOSPHATE 'C10 H14 N5 O8 P'
GDP RNA linking GUANOSINE-5'-DIPHOSPHATE 'C10 H15 N5 O11 P2'
K non-polymer 'POTASSIUM ION' 'K 1'
U RNA linking URIDINE-5'-MONOPHOSPHATE 'C9 H13 N2 O9 P'
#
# COMPACT_ATOMS: atom_id res chain seq x y z
N GLU A 1 4.03 26.56 -1.20
CA GLU A 1 5.32 27.21 -1.07
C GLU A 1 6.32 26.28 -0.38
N VAL A 2 5.95 25.85 0.83
CA VAL A 2 6.78 24.95 1.61
C VAL A 2 6.73 23.53 1.05
N GLN A 3 7.89 22.89 0.97
CA GLN A 3 7.95 21.53 0.43
C GLN A 3 9.15 20.76 0.97
N LEU A 4 9.03 19.44 1.02
CA LEU A 4 10.12 18.58 1.45
C LEU A 4 10.34 17.47 0.43
N VAL A 5 11.61 17.22 0.08
CA VAL A 5 11.93 16.25 -0.94
C VAL A 5 13.06 15.33 -0.50
N GLU A 6 12.71 14.09 -0.22
CA GLU A 6 13.70 13.10 0.24
C GLU A 6 14.21 12.29 -0.94
N SER A 7 15.48 11.88 -0.84
CA SER A 7 16.14 11.13 -1.90
C SER A 7 17.22 10.24 -1.30
N GLY A 8 17.83 9.41 -2.13
CA GLY A 8 18.89 8.54 -1.67
C GLY A 8 18.40 7.15 -1.33
N GLY A 9 17.09 6.95 -1.41
CA GLY A 9 16.51 5.65 -1.15
C GLY A 9 16.89 4.65 -2.21
N GLY A 10 16.88 3.37 -1.85
CA GLY A 10 17.22 2.32 -2.78
C GLY A 10 17.40 0.96 -2.13
N LEU A 11 18.00 0.03 -2.87
CA LEU A 11 18.23 -1.31 -2.37
C LEU A 11 19.60 -1.44 -1.71
N VAL A 12 19.63 -2.04 -0.53
CA VAL A 12 20.88 -2.29 0.17
C VAL A 12 20.78 -3.58 0.98
N GLN A 13 21.79 -4.42 0.86
CA GLN A 13 21.81 -5.69 1.57
C GLN A 13 22.05 -5.49 3.05
N PRO A 14 21.57 -6.44 3.87
CA PRO A 14 21.66 -6.36 5.33
C PRO A 14 23.10 -6.12 5.82
N GLY A 15 23.25 -5.21 6.77
CA GLY A 15 24.56 -4.87 7.28
C GLY A 15 25.16 -3.70 6.55
N GLY A 16 24.57 -3.41 5.39
CA GLY A 16 25.01 -2.28 4.58
C GLY A 16 24.61 -0.96 5.20
N SER A 17 24.85 0.11 4.47
CA SER A 17 24.54 1.45 4.96
C SER A 17 23.99 2.31 3.84
N LEU A 18 23.13 3.25 4.21
CA LEU A 18 22.51 4.14 3.24
C LEU A 18 22.32 5.53 3.86
N ARG A 19 22.56 6.56 3.06
CA ARG A 19 22.37 7.93 3.54
C ARG A 19 21.20 8.59 2.84
N LEU A 20 20.25 9.07 3.64
CA LEU A 20 19.06 9.73 3.11
C LEU A 20 19.19 11.24 3.17
N SER A 21 18.63 11.92 2.18
CA SER A 21 18.62 13.38 2.18
C SER A 21 17.20 13.92 2.29
N CYS A 22 17.09 15.12 2.82
CA CYS A 22 15.79 15.78 2.98
C CYS A 22 15.91 17.24 2.56
N ALA A 23 15.79 17.48 1.26
CA ALA A 23 15.94 18.82 0.72
C ALA A 23 14.71 19.68 1.02
N ALA A 24 14.94 20.78 1.71
CA ALA A 24 13.86 21.68 2.10
C ALA A 24 13.78 22.91 1.20
N SER A 25 12.57 23.41 1.00
CA SER A 25 12.36 24.63 0.23
C SER A 25 11.10 25.34 0.72
N GLY A 26 11.12 26.67 0.69
CA GLY A 26 10.01 27.45 1.19
C GLY A 26 10.18 27.82 2.64
N PHE A 27 11.24 27.32 3.27
CA PHE A 27 11.52 27.61 4.67
C PHE A 27 12.96 27.25 5.05
N TYR A 28 13.41 27.79 6.18
CA TYR A 28 14.75 27.50 6.69
C TYR A 28 14.67 26.44 7.79
N ILE A 29 15.43 25.37 7.62
CA ILE A 29 15.38 24.26 8.57
C ILE A 29 15.99 24.65 9.91
N SER A 30 16.76 25.73 9.91
CA SER A 30 17.42 26.21 11.12
C SER A 30 16.43 26.72 12.16
N TYR A 31 15.24 27.10 11.72
CA TYR A 31 14.21 27.63 12.61
C TYR A 31 13.19 26.57 13.04
N SER A 32 13.40 25.33 12.62
CA SER A 32 12.43 24.27 12.90
C SER A 32 13.06 22.95 13.33
N SER A 33 12.24 22.09 13.92
CA SER A 33 12.67 20.76 14.33
C SER A 33 12.34 19.74 13.24
N ILE A 34 13.36 19.07 12.70
CA ILE A 34 13.15 18.11 11.63
C ILE A 34 13.06 16.67 12.13
N HIS A 35 12.09 15.93 11.61
CA HIS A 35 11.85 14.55 12.02
C HIS A 35 11.90 13.57 10.85
N TRP A 36 12.33 12.35 11.12
CA TRP A 36 12.24 11.26 10.16
C TRP A 36 11.19 10.26 10.64
N VAL A 37 10.27 9.91 9.75
CA VAL A 37 9.23 8.94 10.06
C VAL A 37 9.08 7.95 8.91
N ARG A 38 9.12 6.65 9.23
CA ARG A 38 9.07 5.63 8.20
C ARG A 38 7.79 4.80 8.28
N GLN A 39 7.47 4.14 7.17
CA GLN A 39 6.26 3.33 7.09
C GLN A 39 6.50 2.08 6.25
N ALA A 40 6.61 0.94 6.93
CA ALA A 40 6.78 -0.34 6.24
C ALA A 40 5.51 -0.67 5.47
N PRO A 41 5.65 -1.31 4.31
CA PRO A 41 4.51 -1.58 3.41
C PRO A 41 3.38 -2.32 4.12
N GLY A 42 2.22 -1.69 4.18
CA GLY A 42 1.06 -2.30 4.80
C GLY A 42 0.88 -1.89 6.25
N LYS A 43 1.96 -1.46 6.88
CA LYS A 43 1.93 -1.11 8.29
C LYS A 43 1.62 0.37 8.51
N GLY A 44 1.77 0.81 9.75
CA GLY A 44 1.50 2.18 10.12
C GLY A 44 2.75 3.02 10.20
N LEU A 45 2.60 4.25 10.72
CA LEU A 45 3.70 5.19 10.79
C LEU A 45 4.57 4.95 12.02
N GLU A 46 5.89 5.00 11.83
CA GLU A 46 6.83 4.79 12.92
C GLU A 46 7.84 5.92 13.01
N TRP A 47 7.87 6.59 14.16
CA TRP A 47 8.83 7.66 14.40
C TRP A 47 10.25 7.11 14.48
N VAL A 48 11.14 7.66 13.67
CA VAL A 48 12.52 7.18 13.58
C VAL A 48 13.50 8.06 14.37
N ALA A 49 13.59 9.33 14.01
CA ALA A 49 14.50 10.25 14.69
C ALA A 49 14.13 11.72 14.47
N SER A 50 14.83 12.61 15.15
CA SER A 50 14.62 14.04 14.98
C SER A 50 15.81 14.85 15.49
N ILE A 51 15.82 16.13 15.15
CA ILE A 51 16.90 17.02 15.59
C ILE A 51 16.34 18.40 15.95
N SER A 52 16.70 18.89 17.12
CA SER A 52 16.17 20.15 17.61
C SER A 52 17.04 21.34 17.18
N PRO A 53 16.41 22.48 16.94
CA PRO A 53 17.10 23.69 16.47
C PRO A 53 17.83 24.41 17.59
N TYR A 54 18.85 25.19 17.23
CA TYR A 54 19.59 26.01 18.19
C TYR A 54 20.53 25.18 19.07
N SER A 55 20.06 24.01 19.50
CA SER A 55 20.83 23.14 20.38
C SER A 55 21.48 21.99 19.61
N GLY A 56 20.79 21.52 18.58
CA GLY A 56 21.32 20.45 17.75
C GLY A 56 21.15 19.10 18.41
N SER A 57 20.34 19.07 19.47
CA SER A 57 20.05 17.83 20.17
C SER A 57 19.33 16.85 19.26
N THR A 58 19.76 15.60 19.29
CA THR A 58 19.15 14.57 18.47
C THR A 58 18.38 13.56 19.31
N TYR A 59 17.38 12.94 18.71
CA TYR A 59 16.58 11.93 19.38
C TYR A 59 16.31 10.77 18.45
N TYR A 60 16.42 9.55 18.97
CA TYR A 60 16.21 8.37 18.14
C TYR A 60 15.29 7.37 18.84
N ALA A 61 14.62 6.54 18.04
CA ALA A 61 13.84 5.43 18.57
C ALA A 61 14.79 4.30 18.93
N ASP A 62 14.36 3.42 19.83
CA ASP A 62 15.20 2.33 20.31
C ASP A 62 15.58 1.37 19.18
N SER A 63 14.67 1.18 18.25
CA SER A 63 14.86 0.24 17.15
C SER A 63 15.98 0.67 16.20
N VAL A 64 16.35 1.95 16.27
CA VAL A 64 17.35 2.48 15.35
C VAL A 64 18.54 3.14 16.06
N LYS A 65 18.42 3.31 17.36
CA LYS A 65 19.47 4.00 18.12
C LYS A 65 20.80 3.26 18.04
N GLY A 66 21.85 3.98 17.69
CA GLY A 66 23.18 3.41 17.56
C GLY A 66 23.53 3.11 16.12
N ARG A 67 22.51 2.98 15.29
CA ARG A 67 22.71 2.66 13.87
C ARG A 67 22.40 3.86 12.98
N PHE A 68 21.46 4.68 13.42
CA PHE A 68 21.04 5.84 12.63
C PHE A 68 21.57 7.14 13.21
N THR A 69 21.87 8.09 12.34
CA THR A 69 22.35 9.39 12.76
C THR A 69 21.73 10.49 11.93
N ILE A 70 21.03 11.40 12.60
CA ILE A 70 20.36 12.52 11.92
C ILE A 70 21.16 13.80 12.04
N SER A 71 21.29 14.52 10.93
CA SER A 71 22.04 15.78 10.91
C SER A 71 21.34 16.84 10.08
N ALA A 72 21.92 18.03 10.03
CA ALA A 72 21.35 19.13 9.28
C ALA A 72 22.43 20.03 8.67
N ASP A 73 22.36 20.22 7.35
CA ASP A 73 23.27 21.11 6.66
C ASP A 73 22.54 22.38 6.25
N THR A 74 22.72 23.43 7.05
CA THR A 74 22.07 24.71 6.81
C THR A 74 22.57 25.33 5.51
N SER A 75 23.82 25.03 5.17
CA SER A 75 24.42 25.52 3.93
C SER A 75 23.66 24.99 2.71
N LYS A 76 23.16 23.76 2.82
CA LYS A 76 22.39 23.17 1.74
C LYS A 76 20.91 23.13 2.08
N ASN A 77 20.56 23.58 3.28
CA ASN A 77 19.19 23.56 3.74
C ASN A 77 18.62 22.16 3.61
N THR A 78 19.43 21.18 3.98
CA THR A 78 19.07 19.78 3.82
C THR A 78 19.35 18.99 5.08
N ALA A 79 18.42 18.12 5.44
CA ALA A 79 18.59 17.21 6.56
C ALA A 79 19.00 15.84 6.06
N TYR A 80 19.81 15.13 6.83
CA TYR A 80 20.33 13.84 6.42
C TYR A 80 20.04 12.77 7.46
N LEU A 81 19.85 11.53 7.01
CA LEU A 81 19.66 10.41 7.93
C LEU A 81 20.61 9.26 7.57
N GLN A 82 21.74 9.20 8.26
CA GLN A 82 22.72 8.16 7.98
C GLN A 82 22.31 6.85 8.63
N MET A 83 22.08 5.84 7.79
CA MET A 83 21.63 4.54 8.27
C MET A 83 22.73 3.49 8.13
N ASN A 84 23.24 3.02 9.27
CA ASN A 84 24.27 2.00 9.29
C ASN A 84 23.76 0.69 9.88
N SER A 85 24.36 -0.42 9.46
CA SER A 85 23.98 -1.73 9.97
C SER A 85 22.51 -2.01 9.68
N LEU A 86 22.10 -1.76 8.45
CA LEU A 86 20.69 -1.89 8.08
C LEU A 86 20.20 -3.32 8.24
N ARG A 87 18.92 -3.46 8.58
CA ARG A 87 18.30 -4.77 8.72
C ARG A 87 17.09 -4.88 7.83
N ALA A 88 16.57 -6.10 7.70
CA ALA A 88 15.44 -6.37 6.81
C ALA A 88 14.18 -5.66 7.30
N GLU A 89 14.12 -5.46 8.61
CA GLU A 89 12.98 -4.81 9.24
C GLU A 89 13.11 -3.29 9.20
N ASP A 90 14.16 -2.80 8.55
CA ASP A 90 14.32 -1.38 8.33
C ASP A 90 13.67 -1.01 6.99
N THR A 91 13.32 -2.03 6.23
CA THR A 91 12.65 -1.83 4.95
C THR A 91 11.33 -1.10 5.13
N ALA A 92 11.26 0.11 4.58
CA ALA A 92 10.02 0.90 4.59
C ALA A 92 10.17 2.19 3.79
N VAL A 93 9.07 2.92 3.65
CA VAL A 93 9.09 4.25 3.04
C VAL A 93 9.51 5.28 4.09
N TYR A 94 10.49 6.11 3.74
CA TYR A 94 11.01 7.08 4.70
C TYR A 94 10.58 8.50 4.37
N TYR A 95 9.86 9.11 5.31
CA TYR A 95 9.42 10.49 5.16
C TYR A 95 10.30 11.43 5.98
N CYS A 96 10.44 12.66 5.51
CA CYS A 96 10.98 13.73 6.35
C CYS A 96 9.87 14.74 6.58
N ALA A 97 9.61 15.05 7.85
CA ALA A 97 8.54 15.98 8.20
C ALA A 97 9.07 17.15 9.03
N ARG A 98 8.52 18.34 8.77
CA ARG A 98 8.89 19.52 9.54
C ARG A 98 7.97 19.70 10.73
N GLN A 99 8.55 19.98 11.90
CA GLN A 99 7.74 20.30 13.06
C GLN A 99 7.33 21.76 12.97
N GLY A 100 6.03 21.99 12.74
CA GLY A 100 5.51 23.32 12.53
C GLY A 100 5.81 24.30 13.65
N TYR A 101 5.57 25.58 13.38
CA TYR A 101 5.88 26.62 14.33
C TYR A 101 4.94 26.56 15.55
N ARG A 102 5.56 26.50 16.73
CA ARG A 102 4.86 26.24 17.99
C ARG A 102 3.56 27.01 18.19
N ARG A 103 3.60 28.32 18.02
CA ARG A 103 2.42 29.13 18.29
C ARG A 103 1.33 28.93 17.24
N ARG A 104 1.63 28.13 16.23
CA ARG A 104 0.76 28.00 15.07
C ARG A 104 0.25 26.57 14.89
N SER A 105 1.09 25.59 15.21
CA SER A 105 0.75 24.18 14.99
C SER A 105 1.22 23.28 16.13
N GLY A 106 1.70 23.87 17.21
CA GLY A 106 2.20 23.13 18.34
C GLY A 106 3.40 22.27 18.00
N ARG A 107 3.26 20.97 18.23
CA ARG A 107 4.33 20.02 17.95
C ARG A 107 3.94 19.10 16.80
N GLY A 108 2.91 19.50 16.07
CA GLY A 108 2.45 18.74 14.92
C GLY A 108 3.39 18.87 13.74
N PHE A 109 3.43 17.84 12.91
CA PHE A 109 4.25 17.85 11.70
C PHE A 109 3.41 18.38 10.56
N ASP A 110 3.59 19.66 10.21
CA ASP A 110 2.69 20.31 9.28
C ASP A 110 3.04 20.02 7.82
N TYR A 111 4.28 19.62 7.56
CA TYR A 111 4.69 19.34 6.18
C TYR A 111 5.51 18.05 6.04
N TRP A 112 5.15 17.25 5.04
CA TRP A 112 5.75 15.94 4.82
C TRP A 112 6.34 15.80 3.42
N GLY A 113 7.44 15.06 3.31
CA GLY A 113 7.99 14.73 2.01
C GLY A 113 7.13 13.71 1.31
N GLN A 114 7.45 13.42 0.05
CA GLN A 114 6.70 12.41 -0.71
C GLN A 114 7.16 11.01 -0.27
N GLY A 115 8.29 10.96 0.42
CA GLY A 115 8.83 9.71 0.91
C GLY A 115 9.73 9.00 -0.08
N THR A 116 10.84 8.45 0.41
CA THR A 116 11.75 7.67 -0.43
C THR A 116 11.83 6.24 0.08
N LEU A 117 11.76 5.28 -0.85
CA LEU A 117 11.73 3.86 -0.48
C LEU A 117 13.12 3.31 -0.16
N VAL A 118 13.22 2.59 0.95
CA VAL A 118 14.44 1.91 1.31
C VAL A 118 14.17 0.43 1.50
N THR A 119 14.72 -0.39 0.61
CA THR A 119 14.56 -1.83 0.71
C THR A 119 15.85 -2.48 1.19
N VAL A 120 15.74 -3.27 2.25
CA VAL A 120 16.89 -4.02 2.76
C VAL A 120 16.67 -5.52 2.60
N SER A 121 17.49 -6.14 1.78
CA SER A 121 17.37 -7.57 1.53
C SER A 121 18.62 -8.12 0.88
N SER A 122 18.74 -9.44 0.84
CA SER A 122 19.88 -10.09 0.23
C SER A 122 19.59 -10.42 -1.24
N ALA A 123 18.33 -10.27 -1.62
CA ALA A 123 17.88 -10.55 -2.98
C ALA A 123 18.55 -9.62 -3.99
N SER A 124 18.98 -10.18 -5.12
CA SER A 124 19.58 -9.38 -6.17
C SER A 124 18.51 -8.68 -7.01
N THR A 125 18.86 -7.52 -7.56
CA THR A 125 17.96 -6.80 -8.45
C THR A 125 17.65 -7.65 -9.68
N LYS A 126 16.37 -7.81 -9.99
CA LYS A 126 15.98 -8.68 -11.08
C LYS A 126 14.72 -8.18 -11.79
N GLY A 127 14.77 -8.12 -13.11
CA GLY A 127 13.63 -7.74 -13.91
C GLY A 127 12.56 -8.82 -13.89
N PRO A 128 11.29 -8.41 -14.04
CA PRO A 128 10.15 -9.32 -13.96
C PRO A 128 9.91 -10.07 -15.25
N SER A 129 9.38 -11.29 -15.14
CA SER A 129 8.95 -12.03 -16.31
C SER A 129 7.46 -11.81 -16.51
N VAL A 130 7.09 -11.27 -17.68
CA VAL A 130 5.71 -10.94 -17.96
C VAL A 130 5.03 -12.03 -18.76
N PHE A 131 3.92 -12.54 -18.24
CA PHE A 131 3.17 -13.60 -18.88
C PHE A 131 1.74 -13.13 -19.13
N PRO A 132 1.12 -13.63 -20.21
CA PRO A 132 -0.23 -13.22 -20.58
C PRO A 132 -1.32 -13.97 -19.81
N LEU A 133 -2.32 -13.23 -19.35
CA LEU A 133 -3.52 -13.84 -18.78
C LEU A 133 -4.60 -13.81 -19.84
N ALA A 134 -4.55 -14.76 -20.76
CA ALA A 134 -5.41 -14.76 -21.94
C ALA A 134 -6.88 -14.85 -21.60
N PRO A 135 -7.72 -14.13 -22.34
CA PRO A 135 -9.18 -14.12 -22.17
C PRO A 135 -9.82 -15.46 -22.50
N SER A 136 -10.68 -15.95 -21.61
CA SER A 136 -11.36 -17.22 -21.80
C SER A 136 -12.09 -17.30 -23.15
N SER A 137 -12.28 -18.53 -23.64
CA SER A 137 -12.88 -18.75 -24.96
C SER A 137 -14.40 -18.86 -24.93
N LYS A 138 -14.95 -19.10 -23.74
CA LYS A 138 -16.33 -19.50 -23.55
C LYS A 138 -17.13 -18.56 -22.67
N SER A 139 -18.37 -18.26 -23.06
CA SER A 139 -19.25 -17.40 -22.23
C SER A 139 -18.67 -16.04 -21.85
N THR A 140 -19.10 -15.58 -20.67
CA THR A 140 -18.66 -14.33 -20.09
C THR A 140 -18.69 -14.44 -18.57
N SER A 141 -18.74 -13.29 -17.90
CA SER A 141 -18.79 -13.25 -16.45
C SER A 141 -19.03 -11.82 -15.98
N GLY A 142 -20.28 -11.50 -15.65
CA GLY A 142 -20.65 -10.13 -15.33
C GLY A 142 -21.13 -9.41 -16.58
N GLY A 143 -20.95 -10.05 -17.72
CA GLY A 143 -21.40 -9.51 -18.99
C GLY A 143 -20.28 -9.28 -20.00
N THR A 144 -19.04 -9.43 -19.56
CA THR A 144 -17.89 -9.16 -20.42
C THR A 144 -16.84 -10.27 -20.35
N ALA A 145 -15.64 -9.96 -20.85
CA ALA A 145 -14.51 -10.86 -20.75
C ALA A 145 -13.36 -10.17 -20.02
N ALA A 146 -12.41 -10.95 -19.53
CA ALA A 146 -11.30 -10.42 -18.75
C ALA A 146 -9.95 -10.94 -19.23
N LEU A 147 -8.93 -10.10 -19.11
CA LEU A 147 -7.57 -10.46 -19.49
C LEU A 147 -6.59 -9.61 -18.70
N GLY A 148 -5.29 -9.88 -18.86
CA GLY A 148 -4.27 -9.14 -18.14
C GLY A 148 -2.88 -9.71 -18.28
N CYS A 149 -1.96 -9.23 -17.46
CA CYS A 149 -0.57 -9.65 -17.51
C CYS A 149 -0.04 -9.99 -16.12
N LEU A 150 0.70 -11.10 -16.01
CA LEU A 150 1.32 -11.47 -14.75
C LEU A 150 2.78 -11.03 -14.68
N VAL A 151 3.06 -10.07 -13.80
CA VAL A 151 4.41 -9.59 -13.57
C VAL A 151 5.03 -10.33 -12.40
N LYS A 152 5.89 -11.31 -12.68
CA LYS A 152 6.38 -12.19 -11.64
C LYS A 152 7.90 -12.17 -11.48
N ASP A 153 8.35 -12.35 -10.25
CA ASP A 153 9.77 -12.54 -9.93
C ASP A 153 10.61 -11.31 -10.26
N TYR A 154 10.21 -10.15 -9.75
CA TYR A 154 11.00 -8.94 -9.94
C TYR A 154 11.43 -8.40 -8.57
N PHE A 155 12.54 -7.67 -8.55
CA PHE A 155 13.05 -7.12 -7.30
C PHE A 155 14.15 -6.10 -7.52
N PRO A 156 14.09 -4.98 -6.77
CA PRO A 156 13.03 -4.74 -5.79
C PRO A 156 11.84 -3.94 -6.36
N GLU A 157 11.04 -3.36 -5.48
CA GLU A 157 9.95 -2.49 -5.89
C GLU A 157 10.51 -1.16 -6.39
N PRO A 158 9.72 -0.40 -7.16
CA PRO A 158 8.38 -0.78 -7.61
C PRO A 158 8.33 -1.12 -9.09
N VAL A 159 7.13 -1.38 -9.58
CA VAL A 159 6.91 -1.60 -11.00
C VAL A 159 5.61 -0.92 -11.41
N THR A 160 5.55 -0.46 -12.64
CA THR A 160 4.37 0.24 -13.14
C THR A 160 3.78 -0.53 -14.32
N VAL A 161 2.46 -0.50 -14.44
CA VAL A 161 1.79 -1.19 -15.52
C VAL A 161 0.75 -0.29 -16.17
N SER A 162 0.79 -0.22 -17.50
CA SER A 162 -0.22 0.50 -18.26
C SER A 162 -0.75 -0.39 -19.38
N TRP A 163 -1.86 0.00 -19.98
CA TRP A 163 -2.44 -0.77 -21.07
C TRP A 163 -2.60 0.10 -22.32
N ASN A 164 -2.03 -0.37 -23.42
CA ASN A 164 -2.05 0.36 -24.67
C ASN A 164 -1.39 1.73 -24.52
N SER A 165 -0.36 1.77 -23.68
CA SER A 165 0.44 2.98 -23.47
C SER A 165 -0.38 4.12 -22.86
N GLY A 166 -1.31 3.79 -21.98
CA GLY A 166 -2.10 4.81 -21.31
C GLY A 166 -3.41 5.13 -22.00
N ALA A 167 -3.65 4.46 -23.13
CA ALA A 167 -4.88 4.64 -23.88
C ALA A 167 -6.03 3.89 -23.22
N LEU A 168 -5.70 2.75 -22.60
CA LEU A 168 -6.69 1.93 -21.92
C LEU A 168 -6.58 2.12 -20.41
N THR A 169 -7.63 2.66 -19.80
CA THR A 169 -7.63 2.93 -18.37
C THR A 169 -8.91 2.50 -17.69
N SER A 170 -9.98 2.34 -18.47
CA SER A 170 -11.26 1.94 -17.91
C SER A 170 -11.28 0.45 -17.66
N GLY A 171 -11.76 0.07 -16.48
CA GLY A 171 -11.88 -1.34 -16.11
C GLY A 171 -10.54 -1.98 -15.79
N VAL A 172 -9.51 -1.17 -15.63
CA VAL A 172 -8.17 -1.68 -15.34
C VAL A 172 -7.89 -1.72 -13.84
N HIS A 173 -7.44 -2.89 -13.39
CA HIS A 173 -7.06 -3.06 -11.99
C HIS A 173 -5.64 -3.60 -11.88
N THR A 174 -4.77 -2.81 -11.26
CA THR A 174 -3.40 -3.23 -11.01
C THR A 174 -3.21 -3.51 -9.53
N PHE A 175 -3.05 -4.79 -9.18
CA PHE A 175 -3.00 -5.22 -7.80
C PHE A 175 -1.66 -4.91 -7.14
N PRO A 176 -1.69 -4.68 -5.82
CA PRO A 176 -0.50 -4.45 -5.01
C PRO A 176 0.48 -5.61 -5.09
N ALA A 177 1.76 -5.28 -5.17
CA ALA A 177 2.80 -6.30 -5.25
C ALA A 177 2.78 -7.16 -4.01
N VAL A 178 3.17 -8.42 -4.17
CA VAL A 178 3.23 -9.36 -3.06
C VAL A 178 4.62 -9.96 -2.99
N LEU A 179 5.19 -9.97 -1.80
CA LEU A 179 6.52 -10.54 -1.62
C LEU A 179 6.43 -12.05 -1.50
N GLN A 180 6.95 -12.74 -2.51
CA GLN A 180 6.93 -14.19 -2.55
C GLN A 180 7.91 -14.79 -1.55
N SER A 181 7.73 -16.07 -1.22
CA SER A 181 8.61 -16.75 -0.28
C SER A 181 10.03 -16.84 -0.84
N SER A 182 10.17 -16.59 -2.13
CA SER A 182 11.46 -16.61 -2.79
C SER A 182 12.24 -15.32 -2.55
N GLY A 183 11.57 -14.34 -1.95
CA GLY A 183 12.19 -13.05 -1.69
C GLY A 183 11.93 -12.08 -2.81
N LEU A 184 11.27 -12.56 -3.86
CA LEU A 184 10.99 -11.74 -5.03
C LEU A 184 9.53 -11.29 -5.04
N TYR A 185 9.27 -10.16 -5.68
CA TYR A 185 7.92 -9.60 -5.74
C TYR A 185 7.15 -10.17 -6.92
N SER A 186 5.84 -9.94 -6.92
CA SER A 186 4.98 -10.45 -7.98
C SER A 186 3.61 -9.80 -7.92
N LEU A 187 3.05 -9.47 -9.07
CA LEU A 187 1.73 -8.86 -9.12
C LEU A 187 1.11 -9.03 -10.49
N SER A 188 -0.20 -8.86 -10.55
CA SER A 188 -0.93 -9.01 -11.79
C SER A 188 -1.79 -7.79 -12.07
N SER A 189 -1.90 -7.42 -13.33
CA SER A 189 -2.80 -6.35 -13.75
C SER A 189 -3.80 -6.90 -14.73
N VAL A 190 -5.07 -6.64 -14.48
CA VAL A 190 -6.15 -7.18 -15.31
C VAL A 190 -7.00 -6.05 -15.87
N VAL A 191 -7.93 -6.42 -16.75
CA VAL A 191 -8.86 -5.45 -17.32
C VAL A 191 -10.04 -6.17 -17.96
N THR A 192 -11.24 -5.65 -17.74
CA THR A 192 -12.44 -6.23 -18.31
C THR A 192 -12.76 -5.60 -19.66
N VAL A 193 -12.99 -6.44 -20.67
CA VAL A 193 -13.30 -5.97 -22.01
C VAL A 193 -14.46 -6.76 -22.61
N PRO A 194 -15.07 -6.21 -23.66
CA PRO A 194 -16.15 -6.91 -24.38
C PRO A 194 -15.64 -8.18 -25.03
N SER A 195 -16.35 -9.28 -24.81
CA SER A 195 -15.94 -10.58 -25.33
C SER A 195 -16.18 -10.69 -26.84
N SER A 196 -16.84 -9.70 -27.41
CA SER A 196 -17.22 -9.75 -28.82
C SER A 196 -16.08 -9.28 -29.74
N SER A 197 -15.15 -8.52 -29.18
CA SER A 197 -14.08 -7.92 -29.97
C SER A 197 -12.70 -8.38 -29.50
N LEU A 198 -12.65 -9.56 -28.90
CA LEU A 198 -11.40 -10.08 -28.35
C LEU A 198 -10.37 -10.35 -29.44
N GLY A 199 -10.84 -10.57 -30.66
CA GLY A 199 -9.96 -10.93 -31.75
C GLY A 199 -9.57 -9.76 -32.63
N THR A 200 -10.50 -8.82 -32.81
CA THR A 200 -10.31 -7.73 -33.75
C THR A 200 -9.66 -6.51 -33.12
N GLN A 201 -9.56 -6.50 -31.80
CA GLN A 201 -8.94 -5.37 -31.10
C GLN A 201 -7.70 -5.80 -30.34
N THR A 202 -6.78 -4.88 -30.16
CA THR A 202 -5.48 -5.19 -29.56
C THR A 202 -5.34 -4.70 -28.12
N TYR A 203 -4.84 -5.57 -27.26
CA TYR A 203 -4.58 -5.21 -25.86
C TYR A 203 -3.13 -5.53 -25.50
N ILE A 204 -2.44 -4.53 -24.97
CA ILE A 204 -1.03 -4.67 -24.65
C ILE A 204 -0.69 -4.06 -23.30
N CYS A 205 -0.21 -4.87 -22.37
CA CYS A 205 0.21 -4.35 -21.08
C CYS A 205 1.64 -3.82 -21.19
N ASN A 206 1.86 -2.63 -20.65
CA ASN A 206 3.16 -1.98 -20.67
C ASN A 206 3.83 -2.05 -19.30
N VAL A 207 4.69 -3.06 -19.11
CA VAL A 207 5.36 -3.25 -17.83
C VAL A 207 6.64 -2.42 -17.77
N ASN A 208 6.96 -1.94 -16.58
CA ASN A 208 8.10 -1.04 -16.41
C ASN A 208 8.79 -1.23 -15.07
N HIS A 209 10.01 -1.77 -15.11
CA HIS A 209 10.80 -1.95 -13.90
C HIS A 209 12.15 -1.28 -14.08
N LYS A 210 12.23 -0.03 -13.64
CA LYS A 210 13.43 0.78 -13.84
C LYS A 210 14.68 0.30 -13.10
N PRO A 211 14.53 -0.12 -11.82
CA PRO A 211 15.68 -0.59 -11.04
C PRO A 211 16.54 -1.64 -11.77
N SER A 212 15.98 -2.28 -12.80
CA SER A 212 16.70 -3.33 -13.52
C SER A 212 16.80 -3.03 -15.01
N ASN A 213 16.37 -1.84 -15.42
CA ASN A 213 16.36 -1.47 -16.83
C ASN A 213 15.53 -2.45 -17.63
N THR A 214 14.32 -2.73 -17.14
CA THR A 214 13.47 -3.73 -17.75
C THR A 214 12.08 -3.19 -18.11
N LYS A 215 11.92 -2.81 -19.37
CA LYS A 215 10.62 -2.37 -19.86
C LYS A 215 10.14 -3.35 -20.91
N VAL A 216 9.01 -4.00 -20.65
CA VAL A 216 8.47 -5.01 -21.56
C VAL A 216 7.03 -4.67 -21.98
N ASP A 217 6.65 -5.12 -23.18
CA ASP A 217 5.30 -4.91 -23.68
C ASP A 217 4.75 -6.24 -24.19
N LYS A 218 3.76 -6.77 -23.52
CA LYS A 218 3.23 -8.02 -23.97
C LYS A 218 1.82 -7.83 -24.42
N LYS A 219 1.47 -8.42 -25.56
CA LYS A 219 0.12 -8.31 -26.01
C LYS A 219 -0.58 -9.56 -25.58
N VAL A 220 -1.82 -9.40 -25.16
CA VAL A 220 -2.62 -10.49 -24.61
C VAL A 220 -3.71 -10.92 -25.58
N GLU A 221 -3.52 -12.10 -26.18
CA GLU A 221 -4.48 -12.61 -27.14
C GLU A 221 -5.15 -13.89 -26.66
N PRO A 222 -6.30 -14.22 -27.26
CA PRO A 222 -6.96 -15.50 -27.01
C PRO A 222 -6.06 -16.66 -27.40
N LYS A 223 -5.91 -17.64 -26.53
CA LYS A 223 -5.03 -18.77 -26.83
C LYS A 223 -5.76 -19.85 -27.61
N SER B 1 9.70 4.31 30.41
CA SER B 1 8.73 3.51 29.69
C SER B 1 8.10 4.28 28.53
N ASP B 2 8.15 3.68 27.34
CA ASP B 2 7.56 4.30 26.16
C ASP B 2 6.06 4.47 26.33
N ILE B 3 5.54 5.57 25.78
CA ILE B 3 4.12 5.86 25.85
C ILE B 3 3.38 5.15 24.73
N GLN B 4 2.32 4.44 25.07
CA GLN B 4 1.54 3.67 24.09
C GLN B 4 0.34 4.47 23.60
N MET B 5 0.05 4.38 22.31
CA MET B 5 -1.14 5.02 21.76
C MET B 5 -2.04 3.97 21.13
N THR B 6 -3.08 3.59 21.86
CA THR B 6 -3.96 2.51 21.45
C THR B 6 -5.16 3.04 20.67
N GLN B 7 -5.07 2.96 19.35
CA GLN B 7 -6.09 3.51 18.48
C GLN B 7 -7.20 2.50 18.19
N SER B 8 -8.39 2.99 17.91
CA SER B 8 -9.54 2.13 17.68
C SER B 8 -10.71 2.92 17.12
N PRO B 9 -11.47 2.31 16.20
CA PRO B 9 -11.22 0.95 15.71
C PRO B 9 -10.07 0.89 14.71
N SER B 10 -9.73 -0.31 14.25
CA SER B 10 -8.70 -0.48 13.23
C SER B 10 -9.26 -0.22 11.83
N SER B 11 -10.56 -0.45 11.68
CA SER B 11 -11.24 -0.20 10.40
C SER B 11 -12.65 0.34 10.65
N LEU B 12 -13.24 0.95 9.63
CA LEU B 12 -14.56 1.55 9.76
C LEU B 12 -15.23 1.81 8.42
N SER B 13 -16.48 1.39 8.29
CA SER B 13 -17.26 1.70 7.10
C SER B 13 -18.44 2.61 7.44
N ALA B 14 -18.57 3.70 6.71
CA ALA B 14 -19.66 4.65 6.92
C ALA B 14 -20.08 5.28 5.61
N SER B 15 -21.33 5.75 5.57
CA SER B 15 -21.86 6.42 4.38
C SER B 15 -21.46 7.89 4.37
N VAL B 16 -21.54 8.51 3.21
CA VAL B 16 -21.23 9.93 3.09
C VAL B 16 -22.20 10.74 3.95
N GLY B 17 -21.68 11.69 4.72
CA GLY B 17 -22.49 12.53 5.58
C GLY B 17 -22.61 12.00 7.00
N ASP B 18 -22.12 10.80 7.23
CA ASP B 18 -22.19 10.19 8.56
C ASP B 18 -21.25 10.86 9.55
N ARG B 19 -21.60 10.81 10.83
CA ARG B 19 -20.74 11.33 11.88
C ARG B 19 -19.93 10.20 12.49
N VAL B 20 -18.61 10.25 12.31
CA VAL B 20 -17.72 9.21 12.80
C VAL B 20 -16.71 9.74 13.82
N THR B 21 -16.21 8.84 14.67
CA THR B 21 -15.28 9.20 15.72
C THR B 21 -14.19 8.15 15.92
N ILE B 22 -12.94 8.61 15.85
CA ILE B 22 -11.79 7.73 16.01
C ILE B 22 -11.06 8.04 17.31
N THR B 23 -10.76 7.02 18.09
CA THR B 23 -10.20 7.23 19.42
C THR B 23 -8.78 6.69 19.57
N CYS B 24 -7.96 7.44 20.29
CA CYS B 24 -6.63 6.98 20.69
C CYS B 24 -6.47 7.14 22.19
N ARG B 25 -6.15 6.06 22.87
CA ARG B 25 -6.03 6.07 24.32
C ARG B 25 -4.57 5.90 24.74
N ALA B 26 -4.09 6.84 25.55
CA ALA B 26 -2.69 6.88 25.94
C ALA B 26 -2.43 6.07 27.21
N SER B 27 -1.26 5.43 27.25
CA SER B 27 -0.86 4.61 28.39
C SER B 27 -0.43 5.48 29.56
N GLN B 28 0.08 6.66 29.26
CA GLN B 28 0.47 7.60 30.29
C GLN B 28 -0.17 8.94 30.02
N SER B 29 0.16 9.93 30.83
CA SER B 29 -0.28 11.28 30.58
C SER B 29 0.62 11.91 29.52
N VAL B 30 -0.01 12.49 28.51
CA VAL B 30 0.70 13.14 27.43
C VAL B 30 0.26 14.59 27.30
N SER B 31 -0.43 15.08 28.33
CA SER B 31 -0.97 16.43 28.33
C SER B 31 -1.92 16.63 27.16
N SER B 32 -1.63 17.61 26.31
CA SER B 32 -2.44 17.85 25.12
C SER B 32 -1.61 17.74 23.85
N ALA B 33 -0.40 17.21 23.99
CA ALA B 33 0.52 17.06 22.87
C ALA B 33 0.11 15.93 21.92
N VAL B 34 -1.11 16.03 21.39
CA VAL B 34 -1.65 15.01 20.50
C VAL B 34 -1.98 15.60 19.13
N ALA B 35 -1.53 14.94 18.08
CA ALA B 35 -1.80 15.38 16.71
C ALA B 35 -2.55 14.31 15.93
N TRP B 36 -3.38 14.75 14.99
CA TRP B 36 -4.12 13.82 14.14
C TRP B 36 -3.77 14.05 12.68
N TYR B 37 -3.48 12.96 11.98
CA TYR B 37 -3.11 13.06 10.58
C TYR B 37 -4.07 12.31 9.68
N GLN B 38 -4.03 12.63 8.40
CA GLN B 38 -4.79 11.92 7.40
C GLN B 38 -3.84 11.42 6.32
N GLN B 39 -3.94 10.14 5.97
CA GLN B 39 -3.10 9.60 4.92
C GLN B 39 -3.90 8.82 3.91
N LYS B 40 -3.74 9.20 2.64
CA LYS B 40 -4.37 8.46 1.55
C LYS B 40 -3.31 7.59 0.90
N PRO B 41 -3.75 6.50 0.26
CA PRO B 41 -2.84 5.50 -0.34
C PRO B 41 -1.76 6.14 -1.22
N GLY B 42 -0.50 5.87 -0.88
CA GLY B 42 0.61 6.32 -1.69
C GLY B 42 1.00 7.77 -1.45
N LYS B 43 0.31 8.42 -0.53
CA LYS B 43 0.57 9.82 -0.26
C LYS B 43 1.12 10.00 1.15
N ALA B 44 1.77 11.15 1.39
CA ALA B 44 2.26 11.47 2.70
C ALA B 44 1.10 11.88 3.60
N PRO B 45 1.31 11.81 4.92
CA PRO B 45 0.29 12.18 5.90
C PRO B 45 0.00 13.68 5.83
N LYS B 46 -1.22 14.07 6.15
CA LYS B 46 -1.56 15.49 6.21
C LYS B 46 -2.12 15.86 7.58
N LEU B 47 -1.49 16.82 8.24
CA LEU B 47 -1.85 17.25 9.58
C LEU B 47 -3.27 17.81 9.65
N LEU B 48 -4.07 17.29 10.56
CA LEU B 48 -5.46 17.73 10.72
C LEU B 48 -5.66 18.52 12.01
N ILE B 49 -5.28 17.92 13.13
CA ILE B 49 -5.45 18.55 14.42
C ILE B 49 -4.12 18.57 15.17
N TYR B 50 -3.89 19.65 15.90
CA TYR B 50 -2.72 19.71 16.76
C TYR B 50 -3.14 20.11 18.15
N SER B 51 -2.30 19.81 19.13
CA SER B 51 -2.59 20.08 20.53
C SER B 51 -3.99 19.60 20.89
N ALA B 52 -4.25 18.33 20.61
CA ALA B 52 -5.47 17.66 21.03
C ALA B 52 -6.73 18.17 20.34
N SER B 53 -6.88 19.48 20.23
CA SER B 53 -8.14 20.04 19.76
C SER B 53 -8.02 21.28 18.87
N SER B 54 -6.80 21.66 18.52
CA SER B 54 -6.62 22.82 17.65
C SER B 54 -6.63 22.42 16.18
N LEU B 55 -7.41 23.14 15.39
CA LEU B 55 -7.59 22.85 13.98
C LEU B 55 -6.54 23.58 13.14
N TYR B 56 -5.69 22.80 12.48
CA TYR B 56 -4.65 23.35 11.62
C TYR B 56 -5.25 24.29 10.57
N SER B 57 -4.43 25.21 10.06
CA SER B 57 -4.89 26.20 9.10
C SER B 57 -5.20 25.58 7.73
N GLY B 58 -6.43 25.78 7.26
CA GLY B 58 -6.82 25.27 5.94
C GLY B 58 -7.52 23.94 6.02
N VAL B 59 -7.60 23.40 7.23
CA VAL B 59 -8.33 22.17 7.47
C VAL B 59 -9.80 22.49 7.70
N PRO B 60 -10.70 21.76 7.02
CA PRO B 60 -12.14 21.95 7.16
C PRO B 60 -12.59 21.78 8.61
N SER B 61 -13.61 22.54 9.01
CA SER B 61 -14.03 22.58 10.41
C SER B 61 -14.85 21.36 10.80
N ARG B 62 -15.15 20.51 9.82
CA ARG B 62 -15.91 19.30 10.09
C ARG B 62 -15.02 18.30 10.84
N PHE B 63 -13.72 18.51 10.75
CA PHE B 63 -12.77 17.76 11.55
C PHE B 63 -12.60 18.43 12.90
N SER B 64 -12.67 17.64 13.97
CA SER B 64 -12.53 18.18 15.31
C SER B 64 -11.85 17.19 16.25
N GLY B 65 -10.98 17.70 17.10
CA GLY B 65 -10.30 16.88 18.09
C GLY B 65 -10.70 17.27 19.49
N SER B 66 -10.60 16.32 20.41
CA SER B 66 -10.99 16.55 21.80
C SER B 66 -10.18 15.66 22.73
N ARG B 67 -9.87 16.16 23.93
CA ARG B 67 -9.12 15.40 24.92
C ARG B 67 -9.93 15.16 26.19
N SER B 68 -9.97 13.91 26.62
CA SER B 68 -10.60 13.55 27.88
C SER B 68 -9.62 12.72 28.71
N GLY B 69 -8.85 13.41 29.54
CA GLY B 69 -7.82 12.76 30.33
C GLY B 69 -6.69 12.27 29.45
N THR B 70 -6.58 10.96 29.31
CA THR B 70 -5.56 10.35 28.47
C THR B 70 -6.20 9.74 27.24
N ASP B 71 -7.45 10.11 27.00
CA ASP B 71 -8.20 9.59 25.87
C ASP B 71 -8.51 10.71 24.88
N PHE B 72 -8.09 10.52 23.62
CA PHE B 72 -8.24 11.55 22.61
C PHE B 72 -9.10 11.06 21.46
N THR B 73 -9.89 11.97 20.87
CA THR B 73 -10.83 11.57 19.85
C THR B 73 -10.88 12.54 18.68
N LEU B 74 -10.79 11.97 17.48
CA LEU B 74 -10.98 12.71 16.25
C LEU B 74 -12.42 12.55 15.80
N THR B 75 -13.09 13.66 15.51
CA THR B 75 -14.48 13.61 15.12
C THR B 75 -14.72 14.24 13.77
N ILE B 76 -15.37 13.48 12.89
CA ILE B 76 -15.77 14.00 11.59
C ILE B 76 -17.28 14.17 11.56
N SER B 77 -17.73 15.39 11.81
CA SER B 77 -19.16 15.68 11.97
C SER B 77 -20.00 15.15 10.81
N SER B 78 -19.48 15.28 9.59
CA SER B 78 -20.19 14.79 8.42
C SER B 78 -19.21 14.39 7.32
N LEU B 79 -19.15 13.09 7.02
CA LEU B 79 -18.19 12.59 6.05
C LEU B 79 -18.46 13.11 4.65
N GLN B 80 -17.39 13.49 3.97
CA GLN B 80 -17.44 13.85 2.57
C GLN B 80 -16.55 12.86 1.80
N PRO B 81 -16.85 12.65 0.52
CA PRO B 81 -16.17 11.68 -0.35
C PRO B 81 -14.64 11.75 -0.29
N GLU B 82 -14.08 12.94 -0.10
CA GLU B 82 -12.63 13.10 -0.04
C GLU B 82 -12.07 12.77 1.34
N ASP B 83 -12.94 12.40 2.27
CA ASP B 83 -12.55 12.17 3.66
C ASP B 83 -12.15 10.73 3.92
N PHE B 84 -12.49 9.83 3.01
CA PHE B 84 -12.20 8.42 3.21
C PHE B 84 -10.72 8.15 3.00
N ALA B 85 -10.01 7.94 4.11
CA ALA B 85 -8.61 7.56 4.07
C ALA B 85 -8.23 6.82 5.36
N THR B 86 -6.95 6.83 5.69
CA THR B 86 -6.48 6.27 6.96
C THR B 86 -6.00 7.38 7.89
N TYR B 87 -6.40 7.31 9.15
CA TYR B 87 -6.08 8.35 10.12
C TYR B 87 -5.21 7.81 11.26
N TYR B 88 -4.17 8.55 11.61
CA TYR B 88 -3.30 8.16 12.70
C TYR B 88 -3.27 9.23 13.78
N CYS B 89 -3.15 8.81 15.03
CA CYS B 89 -2.95 9.75 16.13
C CYS B 89 -1.47 9.75 16.49
N GLN B 90 -1.01 10.83 17.09
CA GLN B 90 0.37 10.92 17.51
C GLN B 90 0.52 11.68 18.81
N GLN B 91 1.38 11.17 19.68
CA GLN B 91 1.74 11.90 20.88
C GLN B 91 3.17 12.42 20.71
N SER B 92 3.38 13.67 21.08
CA SER B 92 4.71 14.24 21.07
C SER B 92 4.93 14.97 22.38
N TYR B 93 4.41 14.39 23.45
CA TYR B 93 4.61 14.93 24.79
C TYR B 93 6.04 14.68 25.24
N SER B 94 6.57 13.52 24.87
CA SER B 94 7.95 13.17 25.18
C SER B 94 8.52 12.24 24.13
N PHE B 95 9.85 12.21 24.04
CA PHE B 95 10.53 11.28 23.16
C PHE B 95 10.69 9.93 23.84
N PRO B 96 10.55 8.85 23.06
CA PRO B 96 10.24 8.96 21.64
C PRO B 96 8.76 9.23 21.38
N SER B 97 8.45 9.75 20.20
CA SER B 97 7.07 10.01 19.80
C SER B 97 6.35 8.70 19.53
N THR B 98 5.03 8.70 19.64
CA THR B 98 4.27 7.47 19.44
C THR B 98 3.07 7.69 18.53
N PHE B 99 2.91 6.79 17.55
CA PHE B 99 1.79 6.85 16.61
C PHE B 99 0.75 5.77 16.87
N GLY B 100 -0.50 6.08 16.63
CA GLY B 100 -1.56 5.09 16.66
C GLY B 100 -1.39 4.15 15.48
N GLN B 101 -2.03 3.00 15.53
CA GLN B 101 -1.81 1.99 14.51
C GLN B 101 -2.67 2.30 13.29
N GLY B 102 -3.37 3.43 13.34
CA GLY B 102 -4.14 3.90 12.21
C GLY B 102 -5.59 3.45 12.26
N THR B 103 -6.43 4.14 11.51
CA THR B 103 -7.84 3.79 11.43
C THR B 103 -8.32 4.05 10.01
N LYS B 104 -8.59 2.98 9.26
CA LYS B 104 -8.98 3.11 7.87
C LYS B 104 -10.49 3.29 7.74
N VAL B 105 -10.91 4.47 7.31
CA VAL B 105 -12.33 4.74 7.10
C VAL B 105 -12.70 4.50 5.65
N GLU B 106 -13.65 3.59 5.43
CA GLU B 106 -14.05 3.21 4.09
C GLU B 106 -15.52 3.49 3.83
N ILE B 107 -15.84 3.79 2.58
CA ILE B 107 -17.19 4.16 2.20
C ILE B 107 -18.09 2.93 2.04
N LYS B 108 -19.31 3.03 2.56
CA LYS B 108 -20.31 1.97 2.41
C LYS B 108 -21.02 2.08 1.08
N ARG B 109 -21.60 0.98 0.64
CA ARG B 109 -22.41 0.97 -0.58
C ARG B 109 -23.22 -0.32 -0.68
N THR B 110 -24.10 -0.39 -1.69
CA THR B 110 -24.92 -1.57 -1.91
C THR B 110 -24.04 -2.80 -2.20
N VAL B 111 -24.50 -3.97 -1.79
CA VAL B 111 -23.75 -5.20 -2.00
C VAL B 111 -23.58 -5.49 -3.48
N ALA B 112 -22.38 -5.90 -3.86
CA ALA B 112 -22.08 -6.18 -5.27
C ALA B 112 -21.37 -7.51 -5.43
N ALA B 113 -22.00 -8.43 -6.15
CA ALA B 113 -21.42 -9.74 -6.42
C ALA B 113 -20.21 -9.61 -7.33
N PRO B 114 -19.16 -10.40 -7.06
CA PRO B 114 -17.92 -10.36 -7.84
C PRO B 114 -18.04 -11.15 -9.14
N SER B 115 -17.38 -10.67 -10.18
CA SER B 115 -17.28 -11.41 -11.44
C SER B 115 -16.02 -12.26 -11.42
N VAL B 116 -16.18 -13.56 -11.56
CA VAL B 116 -15.05 -14.47 -11.37
C VAL B 116 -14.44 -14.94 -12.69
N PHE B 117 -13.11 -14.89 -12.76
CA PHE B 117 -12.37 -15.37 -13.92
C PHE B 117 -11.18 -16.20 -13.48
N ILE B 118 -10.87 -17.25 -14.23
CA ILE B 118 -9.70 -18.07 -13.93
C ILE B 118 -8.75 -18.11 -15.12
N PHE B 119 -7.47 -17.95 -14.86
CA PHE B 119 -6.45 -17.92 -15.91
C PHE B 119 -5.43 -19.04 -15.75
N PRO B 120 -5.35 -19.93 -16.74
CA PRO B 120 -4.35 -21.01 -16.70
C PRO B 120 -2.95 -20.48 -16.96
N PRO B 121 -1.92 -21.21 -16.49
CA PRO B 121 -0.54 -20.75 -16.69
C PRO B 121 -0.15 -20.77 -18.16
N SER B 122 0.58 -19.74 -18.58
CA SER B 122 1.01 -19.60 -19.96
C SER B 122 2.01 -20.68 -20.34
N ASP B 123 2.02 -21.04 -21.62
CA ASP B 123 2.98 -22.02 -22.10
C ASP B 123 4.41 -21.50 -21.95
N GLU B 124 4.53 -20.18 -21.95
CA GLU B 124 5.84 -19.54 -21.84
C GLU B 124 6.43 -19.68 -20.45
N GLN B 125 5.55 -19.69 -19.45
CA GLN B 125 5.99 -19.81 -18.07
C GLN B 125 6.23 -21.26 -17.70
N LEU B 126 5.41 -22.16 -18.25
CA LEU B 126 5.53 -23.58 -17.95
C LEU B 126 6.87 -24.13 -18.38
N LYS B 127 7.44 -23.57 -19.43
CA LYS B 127 8.75 -23.99 -19.90
C LYS B 127 9.85 -23.35 -19.04
N SER B 128 9.43 -22.72 -17.94
CA SER B 128 10.35 -22.05 -17.03
C SER B 128 10.46 -22.81 -15.72
N GLY B 129 9.62 -23.83 -15.54
CA GLY B 129 9.70 -24.69 -14.37
C GLY B 129 8.62 -24.43 -13.34
N THR B 130 7.87 -23.35 -13.52
CA THR B 130 6.83 -22.99 -12.59
C THR B 130 5.53 -22.66 -13.31
N ALA B 131 4.41 -22.99 -12.68
CA ALA B 131 3.10 -22.71 -13.24
C ALA B 131 2.29 -21.84 -12.30
N SER B 132 1.70 -20.78 -12.83
CA SER B 132 0.93 -19.85 -12.01
C SER B 132 -0.53 -19.81 -12.47
N VAL B 133 -1.45 -20.13 -11.57
CA VAL B 133 -2.87 -20.06 -11.87
C VAL B 133 -3.53 -18.92 -11.08
N VAL B 134 -4.22 -18.05 -11.79
CA VAL B 134 -4.81 -16.85 -11.19
C VAL B 134 -6.33 -16.88 -11.18
N CYS B 135 -6.92 -16.58 -10.04
CA CYS B 135 -8.36 -16.44 -9.92
C CYS B 135 -8.69 -14.97 -9.65
N LEU B 136 -9.64 -14.42 -10.38
CA LEU B 136 -9.93 -12.99 -10.30
C LEU B 136 -11.35 -12.70 -9.83
N LEU B 137 -11.45 -12.09 -8.66
CA LEU B 137 -12.72 -11.55 -8.19
C LEU B 137 -12.75 -10.07 -8.56
N ASN B 138 -13.74 -9.68 -9.36
CA ASN B 138 -13.74 -8.35 -9.92
C ASN B 138 -14.97 -7.52 -9.56
N ASN B 139 -14.72 -6.36 -8.96
CA ASN B 139 -15.77 -5.40 -8.62
C ASN B 139 -16.84 -5.98 -7.70
N PHE B 140 -16.51 -6.07 -6.42
CA PHE B 140 -17.45 -6.64 -5.45
C PHE B 140 -17.46 -5.80 -4.17
N TYR B 141 -18.44 -6.09 -3.32
CA TYR B 141 -18.56 -5.41 -2.04
C TYR B 141 -19.57 -6.15 -1.15
N PRO B 142 -19.25 -6.28 0.14
CA PRO B 142 -18.04 -5.74 0.78
C PRO B 142 -16.80 -6.55 0.46
N ARG B 143 -15.68 -6.21 1.10
CA ARG B 143 -14.40 -6.85 0.79
C ARG B 143 -14.39 -8.31 1.22
N GLU B 144 -15.29 -8.66 2.13
CA GLU B 144 -15.34 -9.99 2.72
C GLU B 144 -15.62 -11.05 1.68
N ALA B 145 -14.58 -11.79 1.29
CA ALA B 145 -14.72 -12.85 0.30
C ALA B 145 -13.80 -14.02 0.62
N LYS B 146 -14.23 -15.22 0.25
CA LYS B 146 -13.49 -16.44 0.51
C LYS B 146 -13.17 -17.16 -0.79
N VAL B 147 -11.90 -17.44 -1.02
CA VAL B 147 -11.45 -18.08 -2.25
C VAL B 147 -10.66 -19.35 -1.96
N GLN B 148 -11.11 -20.47 -2.53
CA GLN B 148 -10.44 -21.75 -2.32
C GLN B 148 -9.99 -22.39 -3.62
N TRP B 149 -8.84 -23.07 -3.58
CA TRP B 149 -8.30 -23.74 -4.75
C TRP B 149 -8.46 -25.27 -4.68
N LYS B 150 -8.93 -25.85 -5.77
CA LYS B 150 -9.16 -27.29 -5.84
C LYS B 150 -8.57 -27.88 -7.12
N VAL B 151 -7.51 -28.67 -7.00
CA VAL B 151 -7.00 -29.42 -8.15
C VAL B 151 -7.42 -30.87 -8.02
N ASP B 152 -8.21 -31.33 -8.99
CA ASP B 152 -8.79 -32.66 -8.94
C ASP B 152 -9.57 -32.84 -7.64
N ASN B 153 -10.32 -31.80 -7.28
CA ASN B 153 -11.18 -31.82 -6.09
C ASN B 153 -10.40 -31.89 -4.80
N ALA B 154 -9.11 -31.56 -4.89
CA ALA B 154 -8.26 -31.56 -3.72
C ALA B 154 -8.03 -30.13 -3.25
N LEU B 155 -8.56 -29.81 -2.07
CA LEU B 155 -8.45 -28.49 -1.50
C LEU B 155 -6.99 -28.12 -1.22
N GLN B 156 -6.53 -27.05 -1.86
CA GLN B 156 -5.17 -26.57 -1.70
C GLN B 156 -5.02 -25.71 -0.45
N SER B 157 -3.80 -25.61 0.03
CA SER B 157 -3.52 -24.83 1.23
C SER B 157 -2.04 -24.55 1.36
N GLY B 158 -1.68 -23.29 1.59
CA GLY B 158 -0.30 -22.91 1.80
C GLY B 158 0.44 -22.48 0.54
N ASN B 159 -0.15 -22.75 -0.61
CA ASN B 159 0.51 -22.43 -1.88
C ASN B 159 -0.21 -21.36 -2.69
N SER B 160 -0.92 -20.48 -2.01
CA SER B 160 -1.67 -19.42 -2.67
C SER B 160 -1.54 -18.10 -1.93
N GLN B 161 -1.45 -17.01 -2.69
CA GLN B 161 -1.39 -15.68 -2.11
C GLN B 161 -2.48 -14.79 -2.70
N GLU B 162 -3.07 -13.96 -1.85
CA GLU B 162 -4.11 -13.05 -2.30
C GLU B 162 -3.62 -11.62 -2.33
N SER B 163 -4.26 -10.81 -3.16
CA SER B 163 -3.96 -9.39 -3.24
C SER B 163 -5.22 -8.62 -3.62
N VAL B 164 -5.53 -7.57 -2.87
CA VAL B 164 -6.75 -6.80 -3.08
C VAL B 164 -6.45 -5.33 -3.34
N THR B 165 -7.22 -4.72 -4.24
CA THR B 165 -7.05 -3.31 -4.57
C THR B 165 -7.73 -2.42 -3.55
N GLU B 166 -7.38 -1.15 -3.56
CA GLU B 166 -8.05 -0.18 -2.72
C GLU B 166 -9.47 0.00 -3.25
N GLN B 167 -10.34 0.54 -2.40
CA GLN B 167 -11.72 0.78 -2.80
C GLN B 167 -11.74 1.73 -3.98
N ASP B 168 -12.34 1.28 -5.08
CA ASP B 168 -12.37 2.05 -6.32
C ASP B 168 -12.97 3.43 -6.12
N SER B 169 -12.41 4.42 -6.82
CA SER B 169 -12.82 5.81 -6.68
C SER B 169 -14.20 6.10 -7.26
N LYS B 170 -14.64 5.26 -8.18
CA LYS B 170 -15.93 5.49 -8.86
C LYS B 170 -17.08 4.71 -8.22
N ASP B 171 -16.97 3.39 -8.22
CA ASP B 171 -18.06 2.54 -7.74
C ASP B 171 -17.83 2.00 -6.33
N SER B 172 -16.68 2.34 -5.76
CA SER B 172 -16.37 1.99 -4.37
C SER B 172 -16.35 0.47 -4.16
N THR B 173 -15.99 -0.25 -5.21
CA THR B 173 -15.91 -1.70 -5.17
C THR B 173 -14.48 -2.20 -5.03
N TYR B 174 -14.34 -3.44 -4.61
CA TYR B 174 -13.04 -4.07 -4.48
C TYR B 174 -12.79 -5.04 -5.62
N SER B 175 -11.52 -5.36 -5.85
CA SER B 175 -11.14 -6.42 -6.78
C SER B 175 -10.00 -7.21 -6.15
N LEU B 176 -10.02 -8.52 -6.33
CA LEU B 176 -9.06 -9.39 -5.66
C LEU B 176 -8.46 -10.43 -6.60
N SER B 177 -7.20 -10.79 -6.34
CA SER B 177 -6.52 -11.80 -7.14
C SER B 177 -5.88 -12.87 -6.27
N SER B 178 -6.33 -14.11 -6.44
CA SER B 178 -5.70 -15.25 -5.78
C SER B 178 -4.69 -15.87 -6.74
N THR B 179 -3.47 -16.11 -6.25
CA THR B 179 -2.43 -16.69 -7.10
C THR B 179 -1.89 -18.00 -6.57
N LEU B 180 -2.24 -19.09 -7.25
CA LEU B 180 -1.78 -20.41 -6.89
C LEU B 180 -0.45 -20.73 -7.56
N THR B 181 0.53 -21.15 -6.78
CA THR B 181 1.85 -21.44 -7.33
C THR B 181 2.20 -22.92 -7.17
N LEU B 182 2.44 -23.57 -8.31
CA LEU B 182 2.79 -24.98 -8.34
C LEU B 182 4.01 -25.21 -9.21
N SER B 183 4.72 -26.30 -8.95
CA SER B 183 5.84 -26.69 -9.79
C SER B 183 5.31 -27.19 -11.13
N LYS B 184 6.17 -27.23 -12.14
CA LYS B 184 5.78 -27.74 -13.43
C LYS B 184 5.43 -29.22 -13.32
N ALA B 185 6.16 -29.91 -12.45
CA ALA B 185 5.93 -31.32 -12.18
C ALA B 185 4.55 -31.56 -11.56
N ASP B 186 4.30 -30.92 -10.43
CA ASP B 186 3.03 -31.07 -9.73
C ASP B 186 1.88 -30.57 -10.61
N TYR B 187 2.16 -29.58 -11.44
CA TYR B 187 1.13 -29.06 -12.33
C TYR B 187 0.75 -30.08 -13.40
N GLU B 188 1.71 -30.92 -13.77
CA GLU B 188 1.49 -31.91 -14.81
C GLU B 188 0.76 -33.16 -14.32
N LYS B 189 0.76 -33.37 -13.01
CA LYS B 189 0.20 -34.59 -12.43
C LYS B 189 -1.33 -34.62 -12.42
N HIS B 190 -1.95 -33.45 -12.58
CA HIS B 190 -3.40 -33.35 -12.42
C HIS B 190 -4.06 -32.65 -13.61
N LYS B 191 -5.39 -32.67 -13.64
CA LYS B 191 -6.15 -32.18 -14.78
C LYS B 191 -7.02 -30.97 -14.45
N VAL B 192 -8.00 -31.17 -13.58
CA VAL B 192 -8.96 -30.12 -13.26
C VAL B 192 -8.45 -29.14 -12.20
N TYR B 193 -8.26 -27.88 -12.58
CA TYR B 193 -7.84 -26.85 -11.64
C TYR B 193 -9.00 -25.92 -11.31
N ALA B 194 -9.36 -25.88 -10.03
CA ALA B 194 -10.57 -25.17 -9.61
C ALA B 194 -10.30 -24.08 -8.59
N CYS B 195 -11.07 -23.00 -8.69
CA CYS B 195 -11.15 -22.03 -7.61
C CYS B 195 -12.61 -21.67 -7.33
N GLU B 196 -13.01 -21.79 -6.07
CA GLU B 196 -14.38 -21.51 -5.68
C GLU B 196 -14.46 -20.22 -4.87
N VAL B 197 -15.41 -19.36 -5.22
CA VAL B 197 -15.56 -18.07 -4.59
C VAL B 197 -16.85 -17.98 -3.77
N THR B 198 -16.71 -17.65 -2.48
CA THR B 198 -17.87 -17.45 -1.63
C THR B 198 -18.01 -15.97 -1.27
N HIS B 199 -19.12 -15.36 -1.67
CA HIS B 199 -19.33 -13.96 -1.39
C HIS B 199 -20.78 -13.68 -1.00
N GLN B 200 -20.97 -12.62 -0.23
CA GLN B 200 -22.29 -12.26 0.26
C GLN B 200 -23.28 -11.97 -0.86
N GLY B 201 -22.79 -11.40 -1.95
CA GLY B 201 -23.65 -10.98 -3.05
C GLY B 201 -24.02 -12.11 -3.99
N LEU B 202 -23.46 -13.28 -3.76
CA LEU B 202 -23.70 -14.44 -4.63
C LEU B 202 -24.87 -15.28 -4.14
N SER B 203 -25.71 -15.71 -5.08
CA SER B 203 -26.82 -16.59 -4.75
C SER B 203 -26.29 -17.84 -4.08
N SER B 204 -25.31 -18.47 -4.73
CA SER B 204 -24.59 -19.60 -4.15
C SER B 204 -23.13 -19.50 -4.55
N PRO B 205 -22.25 -20.19 -3.81
CA PRO B 205 -20.82 -20.18 -4.13
C PRO B 205 -20.57 -20.51 -5.59
N VAL B 206 -19.72 -19.72 -6.23
CA VAL B 206 -19.48 -19.85 -7.66
C VAL B 206 -18.14 -20.50 -7.96
N THR B 207 -18.15 -21.51 -8.82
CA THR B 207 -16.93 -22.19 -9.21
C THR B 207 -16.59 -21.89 -10.67
N LYS B 208 -15.34 -21.52 -10.90
CA LYS B 208 -14.86 -21.19 -12.23
C LYS B 208 -13.56 -21.95 -12.50
N SER B 209 -13.49 -22.71 -13.59
CA SER B 209 -12.32 -23.53 -13.82
C SER B 209 -12.16 -24.12 -15.21
N PHE B 210 -11.07 -24.85 -15.38
CA PHE B 210 -10.68 -25.40 -16.66
C PHE B 210 -10.01 -26.76 -16.51
N ASN B 211 -9.67 -27.36 -17.66
CA ASN B 211 -8.88 -28.58 -17.68
C ASN B 211 -7.51 -28.30 -18.30
N ARG B 212 -6.47 -28.82 -17.66
CA ARG B 212 -5.09 -28.52 -18.04
C ARG B 212 -4.79 -28.72 -19.51
N GLY B 213 -5.26 -29.83 -20.08
CA GLY B 213 -4.92 -30.21 -21.43
C GLY B 213 -5.64 -29.42 -22.51
N GLU B 214 -6.94 -29.22 -22.29
CA GLU B 214 -7.79 -28.58 -23.29
C GLU B 214 -7.97 -27.09 -23.03
PB GDP C 1 15.80 70.94 94.09
O1B GDP C 1 16.15 70.42 92.72
O2B GDP C 1 17.02 70.94 94.98
O3B GDP C 1 14.76 70.03 94.71
O3A GDP C 1 15.20 72.44 94.00
PA GDP C 1 15.88 73.58 93.08
O1A GDP C 1 16.50 72.99 91.84
O2A GDP C 1 16.92 74.33 93.88
O5' GDP C 1 14.68 74.57 92.68
C5' GDP C 1 14.89 75.43 91.56
C4' GDP C 1 13.63 76.19 91.17
O4' GDP C 1 13.53 77.38 91.95
C3' GDP C 1 13.69 76.60 89.71
O3' GDP C 1 12.74 75.88 88.92
C2' GDP C 1 13.39 78.08 89.68
O2' GDP C 1 12.07 78.30 89.16
C1' GDP C 1 13.47 78.55 91.12
N9 GDP C 1 14.71 79.34 91.32
C8 GDP C 1 15.66 79.07 92.22
N7 GDP C 1 16.68 79.97 92.15
C5 GDP C 1 16.37 80.84 91.16
C6 GDP C 1 17.02 82.02 90.55
O6 GDP C 1 18.12 82.45 90.96
N1 GDP C 1 16.38 82.63 89.53
C2 GDP C 1 15.19 82.19 89.07
N2 GDP C 1 14.61 82.87 88.05
N3 GDP C 1 14.55 81.12 89.59
C4 GDP C 1 15.08 80.41 90.61
K K D . 19.77 32.76 51.21
O18 2ZY E . 19.26 29.67 47.05
C15 2ZY E . 19.29 28.56 47.72
N14 2ZY E . 20.40 27.76 47.71
C16 2ZY E . 21.64 28.19 46.91
C19 2ZY E . 22.08 27.18 46.05
C13 2ZY E . 19.98 26.73 48.55
C17 2ZY E . 21.07 25.69 48.70
C11 2ZY E . 18.12 28.03 48.58
N12 2ZY E . 18.65 26.86 49.06
C10 2ZY E . 16.93 28.97 48.52
C2 2ZY E . 15.59 29.18 48.98
C1 2ZY E . 14.75 30.26 48.70
C6 2ZY E . 13.48 30.20 49.30
F8 2ZY E . 12.59 31.16 49.11
C5 2ZY E . 13.12 29.04 50.18
O9 2ZY E . 11.95 28.94 50.77
C4 2ZY E . 14.12 27.98 50.39
F7 2ZY E . 13.92 26.91 51.14
C3 2ZY E . 15.32 28.13 49.76
F20 2ZY E . 22.43 27.74 44.87
F21 2ZY E . 23.17 26.58 46.56
F22 2ZY E . 21.11 26.28 45.84
#